data_7JMR
#
_entry.id   7JMR
#
_cell.length_a   98.853
_cell.length_b   98.853
_cell.length_c   62.380
_cell.angle_alpha   90.000
_cell.angle_beta   90.000
_cell.angle_gamma   120.000
#
_symmetry.space_group_name_H-M   'P 3 2 1'
#
loop_
_entity.id
_entity.type
_entity.pdbx_description
1 polymer 'Pea pathogenicity protein 2'
2 non-polymer 'POTASSIUM ION'
3 non-polymer 'CALCIUM ION'
4 water water
#
_entity_poly.entity_id   1
_entity_poly.type   'polypeptide(L)'
_entity_poly.pdbx_seq_one_letter_code
;(MSE)TSPLDPHSKCYSHINGSAEELLDRLAVSELCKGWPVYRDASEWKNYRSLFTEDATVWTTWSGPRPVDEFITISKA
GKEQGVFI(MSE)HRECGTLVELSPQQGRAIGK(MSE)KATITQRFSFPAASGAATNGTTGTTSDAIEFDVDCDCRFIFF
CEKDTASGAWKAKYVKLFYEKDKVVSVDGHQAPKFTKDELAKYPQGYRYLGAAQARLGYDIDLQLPTSSGQLWDR(MSE)
YGE(MSE)ENWLGGNKVDLFWEH
;
_entity_poly.pdbx_strand_id   A
#
loop_
_chem_comp.id
_chem_comp.type
_chem_comp.name
_chem_comp.formula
CA non-polymer 'CALCIUM ION' 'Ca 2'
K non-polymer 'POTASSIUM ION' 'K 1'
#
# COMPACT_ATOMS: atom_id res chain seq x y z
N LEU A 5 -14.43 -17.79 1.02
CA LEU A 5 -13.58 -18.62 1.88
C LEU A 5 -12.70 -17.74 2.76
N ASP A 6 -12.64 -18.04 4.04
CA ASP A 6 -11.92 -17.20 5.00
C ASP A 6 -10.42 -17.35 4.78
N PRO A 7 -9.69 -16.29 4.44
CA PRO A 7 -8.25 -16.43 4.17
C PRO A 7 -7.39 -16.58 5.40
N HIS A 8 -7.91 -16.35 6.61
CA HIS A 8 -7.12 -16.46 7.81
C HIS A 8 -7.23 -17.87 8.39
N SER A 9 -6.09 -18.43 8.77
CA SER A 9 -6.02 -19.76 9.38
C SER A 9 -6.33 -19.72 10.87
N LYS A 10 -6.15 -18.55 11.47
CA LYS A 10 -6.13 -18.36 12.92
C LYS A 10 -6.73 -16.99 13.20
N CYS A 11 -7.04 -16.74 14.47
CA CYS A 11 -7.44 -15.42 14.94
C CYS A 11 -6.32 -14.80 15.77
N TYR A 12 -6.25 -13.48 15.78
CA TYR A 12 -5.29 -12.69 16.51
C TYR A 12 -6.05 -11.65 17.33
N SER A 13 -5.34 -10.88 18.13
CA SER A 13 -5.97 -9.78 18.85
C SER A 13 -6.37 -8.70 17.83
N HIS A 14 -7.67 -8.44 17.73
CA HIS A 14 -8.15 -7.48 16.73
C HIS A 14 -9.25 -6.56 17.23
N ILE A 15 -9.98 -6.92 18.29
CA ILE A 15 -10.99 -6.07 18.91
C ILE A 15 -10.86 -6.26 20.41
N ASN A 16 -11.43 -5.34 21.17
CA ASN A 16 -11.50 -5.48 22.62
C ASN A 16 -10.12 -5.79 23.18
N GLY A 17 -10.03 -6.69 24.17
CA GLY A 17 -8.74 -6.94 24.81
C GLY A 17 -8.43 -5.97 25.93
N SER A 18 -7.18 -6.00 26.36
CA SER A 18 -6.72 -5.13 27.43
C SER A 18 -6.47 -3.71 26.93
N ALA A 19 -6.40 -2.78 27.86
CA ALA A 19 -6.02 -1.42 27.48
C ALA A 19 -4.68 -1.41 26.74
N GLU A 20 -3.71 -2.20 27.21
CA GLU A 20 -2.42 -2.25 26.51
C GLU A 20 -2.59 -2.68 25.05
N GLU A 21 -3.43 -3.69 24.81
CA GLU A 21 -3.64 -4.18 23.45
C GLU A 21 -4.41 -3.17 22.61
N LEU A 22 -5.42 -2.52 23.19
CA LEU A 22 -6.12 -1.46 22.49
C LEU A 22 -5.17 -0.34 22.09
N LEU A 23 -4.25 0.03 23.00
CA LEU A 23 -3.36 1.14 22.68
C LEU A 23 -2.27 0.72 21.71
N ASP A 24 -1.88 -0.57 21.70
CA ASP A 24 -0.97 -1.06 20.67
C ASP A 24 -1.64 -1.03 19.30
N ARG A 25 -2.90 -1.47 19.21
CA ARG A 25 -3.59 -1.42 17.92
C ARG A 25 -3.83 0.03 17.49
N LEU A 26 -4.09 0.93 18.43
CA LEU A 26 -4.21 2.34 18.09
C LEU A 26 -2.90 2.87 17.50
N ALA A 27 -1.77 2.52 18.12
CA ALA A 27 -0.49 3.03 17.66
C ALA A 27 -0.18 2.54 16.27
N VAL A 28 -0.48 1.26 15.99
CA VAL A 28 -0.23 0.70 14.66
C VAL A 28 -1.17 1.35 13.64
N SER A 29 -2.41 1.62 14.04
CA SER A 29 -3.35 2.26 13.11
C SER A 29 -2.85 3.64 12.69
N GLU A 30 -2.19 4.35 13.59
CA GLU A 30 -1.66 5.65 13.24
C GLU A 30 -0.53 5.53 12.24
N LEU A 31 0.37 4.55 12.42
CA LEU A 31 1.43 4.35 11.45
C LEU A 31 0.86 4.21 10.06
N CYS A 32 -0.20 3.39 9.93
CA CYS A 32 -0.79 3.17 8.61
C CYS A 32 -1.24 4.47 7.99
N LYS A 33 -2.00 5.25 8.76
CA LYS A 33 -2.56 6.49 8.24
C LYS A 33 -1.46 7.50 7.89
N GLY A 34 -0.27 7.32 8.43
CA GLY A 34 0.84 8.22 8.10
C GLY A 34 1.21 8.24 6.63
N TRP A 35 1.00 7.12 5.91
CA TRP A 35 1.30 7.14 4.49
C TRP A 35 0.39 8.12 3.75
N PRO A 36 -0.95 7.97 3.79
CA PRO A 36 -1.78 9.04 3.17
C PRO A 36 -1.53 10.43 3.71
N VAL A 37 -1.41 10.62 5.03
CA VAL A 37 -1.36 11.97 5.57
C VAL A 37 -0.01 12.61 5.25
N TYR A 38 1.07 11.87 5.46
CA TYR A 38 2.39 12.47 5.32
C TYR A 38 2.92 12.42 3.90
N ARG A 39 2.74 11.31 3.15
CA ARG A 39 3.25 11.32 1.80
C ARG A 39 2.51 12.33 0.93
N ASP A 40 1.17 12.43 1.07
CA ASP A 40 0.43 13.34 0.21
C ASP A 40 0.84 14.80 0.46
N ALA A 41 1.30 15.11 1.67
CA ALA A 41 1.68 16.47 2.02
C ALA A 41 3.17 16.72 1.97
N SER A 42 3.94 15.74 1.50
CA SER A 42 5.39 15.82 1.43
C SER A 42 6.01 16.09 2.81
N GLU A 43 5.39 15.59 3.87
CA GLU A 43 5.94 15.73 5.22
C GLU A 43 6.93 14.58 5.46
N TRP A 44 8.16 14.75 4.92
CA TRP A 44 9.07 13.63 4.80
C TRP A 44 9.67 13.18 6.14
N LYS A 45 9.92 14.11 7.07
CA LYS A 45 10.36 13.67 8.39
C LYS A 45 9.30 12.79 9.04
N ASN A 46 8.05 13.25 9.04
CA ASN A 46 6.94 12.42 9.53
C ASN A 46 6.84 11.10 8.79
N TYR A 47 6.90 11.12 7.46
CA TYR A 47 6.78 9.87 6.72
C TYR A 47 7.90 8.89 7.07
N ARG A 48 9.15 9.37 7.12
CA ARG A 48 10.26 8.47 7.43
C ARG A 48 10.12 7.88 8.83
N SER A 49 9.53 8.63 9.77
CA SER A 49 9.41 8.14 11.15
C SER A 49 8.50 6.92 11.28
N LEU A 50 7.73 6.58 10.25
CA LEU A 50 6.85 5.42 10.33
C LEU A 50 7.60 4.10 10.24
N PHE A 51 8.83 4.13 9.75
CA PHE A 51 9.48 2.92 9.29
C PHE A 51 10.70 2.55 10.12
N THR A 52 10.98 1.24 10.16
CA THR A 52 12.25 0.73 10.66
C THR A 52 13.40 1.21 9.75
N GLU A 53 14.64 1.07 10.25
CA GLU A 53 15.77 1.51 9.45
C GLU A 53 15.97 0.66 8.20
N ASP A 54 15.53 -0.60 8.22
CA ASP A 54 15.74 -1.53 7.12
C ASP A 54 14.46 -1.80 6.34
N ALA A 55 13.55 -0.84 6.31
CA ALA A 55 12.23 -1.07 5.73
C ALA A 55 12.24 -1.06 4.21
N THR A 56 11.31 -1.82 3.63
CA THR A 56 11.09 -1.89 2.19
C THR A 56 9.60 -1.69 1.91
N VAL A 57 9.29 -0.96 0.83
CA VAL A 57 7.91 -0.77 0.41
C VAL A 57 7.77 -1.21 -1.03
N TRP A 58 6.55 -1.58 -1.40
CA TRP A 58 6.22 -1.98 -2.76
C TRP A 58 5.12 -1.09 -3.30
N THR A 59 5.30 -0.56 -4.51
CA THR A 59 4.20 0.08 -5.23
C THR A 59 4.14 -0.44 -6.67
N THR A 60 3.02 -0.14 -7.34
CA THR A 60 2.87 -0.51 -8.75
C THR A 60 3.99 0.08 -9.61
N TRP A 61 4.34 1.33 -9.37
CA TRP A 61 5.20 2.07 -10.28
C TRP A 61 6.67 2.04 -9.87
N SER A 62 6.97 1.64 -8.64
CA SER A 62 8.36 1.55 -8.20
C SER A 62 8.86 0.13 -8.02
N GLY A 63 7.98 -0.86 -7.88
CA GLY A 63 8.39 -2.15 -7.40
C GLY A 63 8.93 -2.01 -5.98
N PRO A 64 9.65 -3.02 -5.51
CA PRO A 64 10.24 -2.94 -4.16
C PRO A 64 11.36 -1.91 -4.09
N ARG A 65 11.35 -1.11 -3.01
CA ARG A 65 12.33 -0.06 -2.81
C ARG A 65 12.64 0.03 -1.32
N PRO A 66 13.90 0.14 -0.92
CA PRO A 66 14.19 0.57 0.46
C PRO A 66 13.59 1.94 0.69
N VAL A 67 13.12 2.20 1.92
CA VAL A 67 12.30 3.38 2.16
C VAL A 67 13.01 4.66 1.73
N ASP A 68 14.30 4.79 2.07
CA ASP A 68 14.97 6.04 1.74
C ASP A 68 15.08 6.22 0.24
N GLU A 69 15.30 5.14 -0.50
CA GLU A 69 15.27 5.23 -1.95
C GLU A 69 13.87 5.59 -2.43
N PHE A 70 12.84 4.98 -1.81
CA PHE A 70 11.48 5.32 -2.19
C PHE A 70 11.20 6.81 -2.01
N ILE A 71 11.72 7.41 -0.94
CA ILE A 71 11.47 8.82 -0.69
C ILE A 71 12.15 9.66 -1.76
N THR A 72 13.38 9.28 -2.16
CA THR A 72 14.09 10.03 -3.18
C THR A 72 13.32 10.02 -4.50
N ILE A 73 12.86 8.86 -4.95
CA ILE A 73 12.17 8.81 -6.22
C ILE A 73 10.77 9.40 -6.11
N SER A 74 10.18 9.42 -4.91
CA SER A 74 8.89 10.08 -4.73
C SER A 74 9.04 11.57 -4.89
N LYS A 75 10.05 12.15 -4.24
CA LYS A 75 10.36 13.56 -4.44
C LYS A 75 10.58 13.87 -5.92
N ALA A 76 11.33 13.03 -6.61
CA ALA A 76 11.60 13.26 -8.03
C ALA A 76 10.30 13.24 -8.83
N GLY A 77 9.47 12.24 -8.56
CA GLY A 77 8.17 12.19 -9.23
C GLY A 77 7.36 13.45 -8.98
N LYS A 78 7.25 13.88 -7.72
CA LYS A 78 6.48 15.07 -7.43
C LYS A 78 7.06 16.29 -8.13
N GLU A 79 8.40 16.37 -8.21
CA GLU A 79 9.01 17.48 -8.95
C GLU A 79 8.66 17.44 -10.43
N GLN A 80 8.43 16.25 -10.98
CA GLN A 80 8.04 16.12 -12.38
C GLN A 80 6.53 16.17 -12.58
N GLY A 81 5.78 16.59 -11.57
CA GLY A 81 4.35 16.77 -11.70
C GLY A 81 3.49 15.57 -11.39
N VAL A 82 4.08 14.48 -10.90
CA VAL A 82 3.27 13.34 -10.50
C VAL A 82 2.39 13.73 -9.32
N PHE A 83 1.13 13.27 -9.32
CA PHE A 83 0.13 13.77 -8.37
C PHE A 83 -0.72 12.59 -7.87
N ILE A 84 -0.16 11.84 -6.94
CA ILE A 84 -0.82 10.72 -6.28
C ILE A 84 -1.33 11.18 -4.93
N MSE A 85 -2.61 10.95 -4.67
CA MSE A 85 -3.17 11.14 -3.34
C MSE A 85 -3.82 9.84 -2.89
O MSE A 85 -4.00 8.90 -3.67
CB MSE A 85 -4.18 12.29 -3.34
CG MSE A 85 -3.59 13.66 -3.59
SE MSE A 85 -5.01 15.03 -3.53
CE MSE A 85 -5.24 14.98 -1.59
H MSE A 85 -3.18 10.68 -5.25
HA MSE A 85 -2.46 11.40 -2.73
HB2 MSE A 85 -4.84 12.13 -4.03
HB3 MSE A 85 -4.62 12.31 -2.47
HG2 MSE A 85 -2.93 13.86 -2.90
HG3 MSE A 85 -3.17 13.69 -4.46
HE1 MSE A 85 -5.89 15.64 -1.34
HE2 MSE A 85 -5.54 14.09 -1.34
HE3 MSE A 85 -4.38 15.17 -1.17
N HIS A 86 -4.18 9.79 -1.61
CA HIS A 86 -4.73 8.58 -1.00
C HIS A 86 -5.94 8.99 -0.18
N ARG A 87 -6.99 8.16 -0.20
CA ARG A 87 -8.15 8.34 0.66
C ARG A 87 -8.17 7.10 1.55
N GLU A 88 -7.91 7.26 2.85
CA GLU A 88 -8.00 6.12 3.74
C GLU A 88 -9.47 5.77 3.99
N CYS A 89 -9.80 4.46 4.01
CA CYS A 89 -11.16 3.92 3.84
C CYS A 89 -11.49 2.86 4.91
N GLY A 90 -10.72 2.80 6.02
CA GLY A 90 -10.98 1.83 7.08
C GLY A 90 -9.74 1.05 7.51
N THR A 91 -9.32 1.23 8.77
CA THR A 91 -8.05 0.70 9.24
C THR A 91 -8.28 -0.10 10.52
N LEU A 92 -7.83 -1.35 10.50
CA LEU A 92 -7.82 -2.19 11.70
C LEU A 92 -6.50 -2.95 11.78
N VAL A 93 -6.28 -3.64 12.90
CA VAL A 93 -4.97 -4.22 13.20
C VAL A 93 -5.15 -5.67 13.65
N GLU A 94 -4.20 -6.53 13.26
CA GLU A 94 -4.04 -7.86 13.84
C GLU A 94 -2.80 -7.81 14.71
N LEU A 95 -2.94 -8.11 16.01
CA LEU A 95 -1.87 -7.97 16.97
C LEU A 95 -1.46 -9.34 17.51
N SER A 96 -0.15 -9.57 17.59
CA SER A 96 0.40 -10.79 18.22
C SER A 96 1.25 -10.35 19.41
N PRO A 97 0.66 -10.24 20.59
CA PRO A 97 1.38 -9.56 21.69
C PRO A 97 2.68 -10.22 22.09
N GLN A 98 2.73 -11.55 22.10
CA GLN A 98 3.93 -12.22 22.57
C GLN A 98 5.04 -12.22 21.53
N GLN A 99 4.73 -11.93 20.26
CA GLN A 99 5.76 -11.79 19.25
C GLN A 99 6.20 -10.35 19.04
N GLY A 100 5.48 -9.39 19.62
CA GLY A 100 5.79 -7.99 19.36
C GLY A 100 5.61 -7.66 17.89
N ARG A 101 4.62 -8.26 17.26
CA ARG A 101 4.36 -8.14 15.84
C ARG A 101 2.92 -7.72 15.60
N ALA A 102 2.68 -6.99 14.50
CA ALA A 102 1.32 -6.61 14.17
C ALA A 102 1.22 -6.45 12.66
N ILE A 103 0.02 -6.62 12.13
CA ILE A 103 -0.32 -6.32 10.74
C ILE A 103 -1.36 -5.22 10.76
N GLY A 104 -1.06 -4.11 10.09
CA GLY A 104 -2.00 -3.04 9.86
C GLY A 104 -2.72 -3.26 8.55
N LYS A 105 -4.05 -3.34 8.60
CA LYS A 105 -4.90 -3.49 7.41
C LYS A 105 -5.57 -2.13 7.15
N MSE A 106 -5.14 -1.44 6.11
CA MSE A 106 -5.72 -0.12 5.80
C MSE A 106 -6.33 -0.11 4.40
O MSE A 106 -5.64 -0.04 3.39
CB MSE A 106 -4.66 0.99 5.93
CG MSE A 106 -5.18 2.36 5.55
SE MSE A 106 -3.92 3.78 5.75
CE MSE A 106 -2.69 3.34 4.31
H MSE A 106 -4.52 -1.70 5.56
HA MSE A 106 -6.42 0.07 6.46
HB2 MSE A 106 -4.35 1.03 6.85
HB3 MSE A 106 -3.91 0.77 5.34
HG2 MSE A 106 -5.47 2.33 4.63
HG3 MSE A 106 -5.94 2.56 6.12
HE1 MSE A 106 -1.87 3.87 4.41
HE2 MSE A 106 -2.48 2.40 4.35
HE3 MSE A 106 -3.11 3.55 3.45
N LYS A 107 -7.65 -0.14 4.37
CA LYS A 107 -8.35 0.09 3.12
C LYS A 107 -8.09 1.50 2.63
N ALA A 108 -7.98 1.66 1.31
CA ALA A 108 -7.69 2.97 0.77
C ALA A 108 -8.17 3.05 -0.67
N THR A 109 -8.24 4.28 -1.17
CA THR A 109 -8.32 4.54 -2.61
C THR A 109 -7.07 5.30 -2.99
N ILE A 110 -6.25 4.71 -3.86
CA ILE A 110 -5.22 5.49 -4.54
C ILE A 110 -5.94 6.34 -5.59
N THR A 111 -5.74 7.65 -5.53
CA THR A 111 -6.40 8.54 -6.49
C THR A 111 -5.32 9.39 -7.16
N GLN A 112 -4.98 9.05 -8.39
CA GLN A 112 -3.87 9.67 -9.09
C GLN A 112 -4.42 10.51 -10.22
N ARG A 113 -3.99 11.79 -10.27
CA ARG A 113 -4.44 12.74 -11.27
C ARG A 113 -3.46 12.78 -12.43
N PHE A 114 -3.99 12.60 -13.65
CA PHE A 114 -3.22 12.52 -14.88
C PHE A 114 -3.74 13.54 -15.89
N SER A 115 -2.95 13.78 -16.93
CA SER A 115 -3.44 14.48 -18.11
C SER A 115 -3.22 13.65 -19.37
N PHE A 116 -4.07 13.88 -20.37
CA PHE A 116 -3.95 13.23 -21.66
C PHE A 116 -4.07 14.31 -22.73
N PRO A 117 -3.08 14.44 -23.63
CA PRO A 117 -3.24 15.44 -24.71
C PRO A 117 -4.14 14.95 -25.85
N ASP A 133 -6.61 22.16 -25.19
CA ASP A 133 -6.70 21.91 -23.76
C ASP A 133 -6.71 20.41 -23.47
N ALA A 134 -5.86 19.97 -22.55
CA ALA A 134 -5.68 18.55 -22.30
C ALA A 134 -6.77 18.00 -21.38
N ILE A 135 -7.05 16.71 -21.54
CA ILE A 135 -8.06 16.01 -20.75
C ILE A 135 -7.44 15.65 -19.41
N GLU A 136 -8.03 16.15 -18.33
CA GLU A 136 -7.60 15.73 -17.00
C GLU A 136 -8.46 14.55 -16.56
N PHE A 137 -7.87 13.60 -15.83
CA PHE A 137 -8.63 12.46 -15.31
C PHE A 137 -7.93 11.92 -14.07
N ASP A 138 -8.71 11.27 -13.22
CA ASP A 138 -8.13 10.48 -12.15
C ASP A 138 -8.20 9.00 -12.55
N VAL A 139 -7.31 8.21 -11.99
CA VAL A 139 -7.57 6.78 -11.82
C VAL A 139 -7.68 6.56 -10.32
N ASP A 140 -8.79 5.97 -9.90
CA ASP A 140 -9.08 5.66 -8.50
C ASP A 140 -9.07 4.14 -8.34
N CYS A 141 -8.15 3.65 -7.51
CA CYS A 141 -7.97 2.21 -7.29
C CYS A 141 -8.25 1.92 -5.83
N ASP A 142 -9.30 1.15 -5.56
CA ASP A 142 -9.58 0.66 -4.22
C ASP A 142 -8.63 -0.48 -3.91
N CYS A 143 -7.96 -0.40 -2.77
CA CYS A 143 -6.85 -1.27 -2.45
C CYS A 143 -6.83 -1.44 -0.95
N ARG A 144 -5.91 -2.26 -0.48
CA ARG A 144 -5.73 -2.47 0.96
C ARG A 144 -4.24 -2.48 1.21
N PHE A 145 -3.74 -1.49 1.94
CA PHE A 145 -2.35 -1.46 2.36
C PHE A 145 -2.16 -2.45 3.51
N ILE A 146 -1.10 -3.26 3.45
CA ILE A 146 -0.74 -4.15 4.55
C ILE A 146 0.58 -3.67 5.12
N PHE A 147 0.55 -3.23 6.40
CA PHE A 147 1.73 -2.74 7.11
C PHE A 147 2.23 -3.84 8.05
N PHE A 148 3.45 -4.32 7.81
CA PHE A 148 4.08 -5.35 8.63
C PHE A 148 4.88 -4.62 9.69
N CYS A 149 4.38 -4.60 10.93
CA CYS A 149 4.91 -3.76 11.98
C CYS A 149 5.50 -4.58 13.11
N GLU A 150 6.49 -3.99 13.77
CA GLU A 150 7.17 -4.63 14.89
C GLU A 150 7.40 -3.62 16.00
N LYS A 151 7.48 -4.13 17.23
CA LYS A 151 7.56 -3.33 18.44
C LYS A 151 8.98 -3.42 18.98
N ASP A 152 9.63 -2.28 19.14
CA ASP A 152 10.95 -2.21 19.75
C ASP A 152 10.84 -2.59 21.22
N THR A 153 11.50 -3.67 21.62
CA THR A 153 11.34 -4.14 23.00
C THR A 153 11.87 -3.11 24.00
N ALA A 154 12.96 -2.42 23.66
CA ALA A 154 13.48 -1.38 24.54
C ALA A 154 12.48 -0.24 24.69
N SER A 155 12.15 0.41 23.56
CA SER A 155 11.34 1.63 23.47
C SER A 155 9.84 1.38 23.62
N GLY A 156 9.38 0.20 23.26
CA GLY A 156 7.96 -0.04 23.07
C GLY A 156 7.39 0.56 21.80
N ALA A 157 8.20 1.23 20.99
CA ALA A 157 7.65 1.91 19.81
C ALA A 157 7.38 0.92 18.68
N TRP A 158 6.26 1.16 17.96
CA TRP A 158 5.92 0.41 16.76
C TRP A 158 6.46 1.10 15.52
N LYS A 159 6.99 0.30 14.59
CA LYS A 159 7.50 0.78 13.31
C LYS A 159 7.15 -0.23 12.23
N ALA A 160 6.98 0.26 11.00
CA ALA A 160 6.67 -0.63 9.88
C ALA A 160 7.95 -1.04 9.17
N LYS A 161 8.11 -2.36 9.01
CA LYS A 161 9.23 -2.91 8.26
C LYS A 161 8.90 -3.13 6.80
N TYR A 162 7.66 -3.49 6.50
CA TYR A 162 7.27 -3.70 5.11
C TYR A 162 5.89 -3.09 4.88
N VAL A 163 5.65 -2.62 3.64
CA VAL A 163 4.33 -2.21 3.20
C VAL A 163 4.12 -2.75 1.79
N LYS A 164 3.04 -3.52 1.60
CA LYS A 164 2.63 -4.03 0.30
C LYS A 164 1.12 -4.07 0.25
N LEU A 165 0.55 -3.95 -0.94
CA LEU A 165 -0.88 -3.75 -1.09
C LEU A 165 -1.58 -4.90 -1.80
N PHE A 166 -2.85 -5.11 -1.45
CA PHE A 166 -3.82 -5.80 -2.30
C PHE A 166 -4.49 -4.76 -3.19
N TYR A 167 -4.69 -5.07 -4.46
CA TYR A 167 -5.38 -4.17 -5.40
C TYR A 167 -6.71 -4.79 -5.79
N GLU A 168 -7.81 -4.08 -5.54
CA GLU A 168 -9.13 -4.70 -5.60
C GLU A 168 -9.94 -4.31 -6.84
N LYS A 169 -10.07 -3.02 -7.15
CA LYS A 169 -10.74 -2.60 -8.37
C LYS A 169 -10.32 -1.18 -8.70
N ASP A 170 -10.45 -0.80 -9.96
CA ASP A 170 -10.13 0.58 -10.33
C ASP A 170 -11.05 1.08 -11.42
N LYS A 171 -10.98 2.40 -11.65
CA LYS A 171 -11.84 3.10 -12.58
C LYS A 171 -11.16 4.38 -13.06
N VAL A 172 -11.58 4.82 -14.22
CA VAL A 172 -11.21 6.10 -14.79
C VAL A 172 -12.25 7.11 -14.36
N VAL A 173 -11.82 8.27 -13.89
CA VAL A 173 -12.68 9.30 -13.35
C VAL A 173 -12.50 10.57 -14.16
N SER A 174 -13.56 10.99 -14.85
CA SER A 174 -13.54 12.25 -15.56
C SER A 174 -13.49 13.40 -14.57
N VAL A 175 -12.65 14.39 -14.86
CA VAL A 175 -12.56 15.54 -13.95
C VAL A 175 -13.61 16.59 -14.27
N ASP A 176 -13.91 16.84 -15.54
CA ASP A 176 -14.95 17.80 -15.88
C ASP A 176 -16.32 17.16 -16.04
N GLY A 177 -16.41 15.83 -15.94
CA GLY A 177 -17.69 15.17 -16.06
C GLY A 177 -18.11 14.86 -17.47
N HIS A 178 -17.29 15.23 -18.47
CA HIS A 178 -17.58 15.00 -19.88
C HIS A 178 -16.51 14.22 -20.61
N GLN A 179 -15.24 14.53 -20.36
CA GLN A 179 -14.14 14.01 -21.15
C GLN A 179 -13.34 13.00 -20.36
N ALA A 180 -12.88 11.96 -21.03
CA ALA A 180 -12.08 10.93 -20.38
C ALA A 180 -11.15 10.32 -21.42
N PRO A 181 -9.99 9.83 -20.99
CA PRO A 181 -9.09 9.13 -21.92
C PRO A 181 -9.65 7.80 -22.38
N LYS A 182 -8.96 7.20 -23.37
CA LYS A 182 -9.34 5.90 -23.91
C LYS A 182 -8.15 4.94 -23.83
N PHE A 183 -8.40 3.72 -23.36
CA PHE A 183 -7.38 2.69 -23.26
C PHE A 183 -7.80 1.50 -24.14
N THR A 184 -6.88 1.01 -24.97
CA THR A 184 -7.26 -0.13 -25.79
C THR A 184 -7.31 -1.39 -24.93
N LYS A 185 -8.00 -2.41 -25.43
CA LYS A 185 -8.00 -3.68 -24.73
C LYS A 185 -6.58 -4.21 -24.56
N ASP A 186 -5.75 -4.12 -25.61
CA ASP A 186 -4.38 -4.61 -25.50
C ASP A 186 -3.57 -3.82 -24.48
N GLU A 187 -3.82 -2.52 -24.38
CA GLU A 187 -3.07 -1.71 -23.41
C GLU A 187 -3.36 -2.17 -21.99
N LEU A 188 -4.61 -2.58 -21.72
CA LEU A 188 -4.98 -2.98 -20.36
C LEU A 188 -4.62 -4.43 -20.06
N ALA A 189 -4.41 -5.25 -21.08
CA ALA A 189 -4.44 -6.70 -20.90
C ALA A 189 -3.28 -7.25 -20.08
N LYS A 190 -2.11 -6.61 -20.09
CA LYS A 190 -0.97 -7.19 -19.38
C LYS A 190 -1.08 -7.02 -17.86
N TYR A 191 -2.02 -6.16 -17.37
CA TYR A 191 -2.07 -5.89 -15.95
C TYR A 191 -3.07 -6.79 -15.24
N PRO A 192 -2.81 -7.16 -13.99
CA PRO A 192 -3.81 -7.92 -13.24
C PRO A 192 -5.09 -7.13 -13.05
N GLN A 193 -6.21 -7.83 -13.14
CA GLN A 193 -7.52 -7.24 -12.83
C GLN A 193 -7.47 -6.71 -11.41
N GLY A 194 -7.74 -5.42 -11.26
CA GLY A 194 -7.68 -4.76 -9.97
C GLY A 194 -6.88 -3.49 -10.09
N TYR A 195 -5.88 -3.49 -10.99
CA TYR A 195 -5.16 -2.24 -11.24
C TYR A 195 -4.79 -2.03 -12.70
N ARG A 196 -5.64 -2.47 -13.62
CA ARG A 196 -5.33 -2.34 -15.04
C ARG A 196 -5.32 -0.89 -15.49
N TYR A 197 -6.30 -0.06 -15.07
CA TYR A 197 -6.26 1.34 -15.48
C TYR A 197 -5.12 2.09 -14.81
N LEU A 198 -4.86 1.80 -13.53
CA LEU A 198 -3.81 2.49 -12.82
C LEU A 198 -2.45 2.14 -13.41
N GLY A 199 -2.21 0.86 -13.64
CA GLY A 199 -0.97 0.45 -14.29
C GLY A 199 -0.80 1.05 -15.66
N ALA A 200 -1.85 0.97 -16.48
CA ALA A 200 -1.75 1.48 -17.85
C ALA A 200 -1.47 2.99 -17.84
N ALA A 201 -2.16 3.75 -16.98
CA ALA A 201 -1.92 5.18 -16.94
C ALA A 201 -0.53 5.52 -16.44
N GLN A 202 -0.05 4.81 -15.40
CA GLN A 202 1.29 5.09 -14.90
C GLN A 202 2.36 4.70 -15.93
N ALA A 203 2.12 3.62 -16.67
CA ALA A 203 3.04 3.24 -17.75
C ALA A 203 3.16 4.35 -18.79
N ARG A 204 2.08 5.08 -19.06
CA ARG A 204 2.16 6.19 -20.01
C ARG A 204 3.10 7.28 -19.53
N LEU A 205 3.34 7.39 -18.23
CA LEU A 205 4.33 8.33 -17.70
C LEU A 205 5.76 7.84 -17.87
N GLY A 206 5.97 6.57 -18.21
CA GLY A 206 7.31 6.04 -18.35
C GLY A 206 7.73 5.05 -17.30
N TYR A 207 6.86 4.74 -16.32
CA TYR A 207 7.23 3.80 -15.28
C TYR A 207 7.11 2.37 -15.77
N ASP A 208 8.00 1.52 -15.28
CA ASP A 208 7.89 0.08 -15.44
C ASP A 208 7.04 -0.46 -14.30
N ILE A 209 5.95 -1.15 -14.62
CA ILE A 209 4.92 -1.51 -13.65
C ILE A 209 5.13 -2.93 -13.17
N ASP A 210 5.12 -3.10 -11.85
CA ASP A 210 5.16 -4.42 -11.24
C ASP A 210 3.87 -5.17 -11.48
N LEU A 211 3.97 -6.30 -12.18
CA LEU A 211 2.83 -7.13 -12.53
C LEU A 211 2.59 -8.26 -11.54
N GLN A 212 3.40 -8.34 -10.48
CA GLN A 212 3.35 -9.43 -9.53
C GLN A 212 2.82 -8.93 -8.19
N LEU A 213 1.71 -8.17 -8.21
CA LEU A 213 1.12 -7.67 -6.98
C LEU A 213 -0.23 -8.32 -6.75
N PRO A 214 -0.63 -8.54 -5.49
CA PRO A 214 -1.82 -9.34 -5.23
C PRO A 214 -3.12 -8.58 -5.49
N THR A 215 -4.13 -9.32 -5.91
CA THR A 215 -5.45 -8.76 -6.12
C THR A 215 -6.44 -9.47 -5.21
N SER A 216 -7.71 -9.53 -5.59
CA SER A 216 -8.75 -10.08 -4.73
C SER A 216 -8.82 -11.61 -4.76
N SER A 217 -8.05 -12.26 -5.62
CA SER A 217 -8.12 -13.71 -5.76
C SER A 217 -6.80 -14.21 -6.32
N GLY A 218 -6.55 -15.50 -6.12
CA GLY A 218 -5.51 -16.19 -6.84
C GLY A 218 -4.29 -16.50 -6.01
N GLN A 219 -3.18 -16.76 -6.72
CA GLN A 219 -2.00 -17.30 -6.08
C GLN A 219 -1.35 -16.28 -5.15
N LEU A 220 -1.20 -15.03 -5.62
CA LEU A 220 -0.52 -14.04 -4.80
C LEU A 220 -1.40 -13.54 -3.66
N TRP A 221 -2.71 -13.64 -3.81
CA TRP A 221 -3.61 -13.38 -2.68
C TRP A 221 -3.35 -14.36 -1.55
N ASP A 222 -3.34 -15.67 -1.86
CA ASP A 222 -3.00 -16.68 -0.86
C ASP A 222 -1.61 -16.44 -0.27
N ARG A 223 -0.64 -16.14 -1.14
CA ARG A 223 0.72 -15.89 -0.67
C ARG A 223 0.77 -14.74 0.31
N MSE A 224 0.04 -13.67 0.01
CA MSE A 224 0.04 -12.50 0.85
C MSE A 224 -0.48 -12.89 2.25
O MSE A 224 0.13 -12.53 3.27
CB MSE A 224 -0.83 -11.41 0.18
CG MSE A 224 -0.88 -10.13 0.95
SE MSE A 224 1.02 -9.37 0.87
CE MSE A 224 0.56 -7.47 1.10
H MSE A 224 -0.45 -13.60 -0.69
HA MSE A 224 0.94 -12.13 0.96
HB2 MSE A 224 -0.47 -11.21 -0.70
HB3 MSE A 224 -1.74 -11.74 0.11
HG2 MSE A 224 -1.49 -9.51 0.54
HG3 MSE A 224 -1.14 -10.30 1.87
HE1 MSE A 224 -0.12 -7.39 1.78
HE2 MSE A 224 1.34 -6.96 1.37
HE3 MSE A 224 0.23 -7.13 0.26
N TYR A 225 -1.58 -13.64 2.32
CA TYR A 225 -2.09 -14.05 3.64
C TYR A 225 -1.09 -14.98 4.32
N GLY A 226 -0.40 -15.84 3.56
CA GLY A 226 0.62 -16.70 4.17
C GLY A 226 1.73 -15.89 4.82
N GLU A 227 2.22 -14.86 4.13
CA GLU A 227 3.29 -14.04 4.68
C GLU A 227 2.79 -13.21 5.85
N MSE A 228 1.53 -12.76 5.81
CA MSE A 228 0.95 -12.05 6.94
C MSE A 228 0.99 -12.93 8.20
O MSE A 228 1.38 -12.47 9.27
CB MSE A 228 -0.47 -11.59 6.60
CG MSE A 228 -0.46 -10.47 5.56
SE MSE A 228 -2.18 -10.28 4.67
CE MSE A 228 -2.97 -9.83 6.29
H MSE A 228 1.00 -12.87 5.15
HA MSE A 228 1.46 -11.24 7.13
HB2 MSE A 228 -0.97 -12.35 6.23
HB3 MSE A 228 -0.91 -11.27 7.40
HG2 MSE A 228 -0.26 -9.64 6.01
HG3 MSE A 228 0.21 -10.66 4.89
HE1 MSE A 228 -3.91 -9.67 6.17
HE2 MSE A 228 -2.84 -10.56 6.91
HE3 MSE A 228 -2.53 -9.03 6.63
N GLU A 229 0.55 -14.19 8.06
CA GLU A 229 0.51 -15.07 9.23
C GLU A 229 1.92 -15.45 9.67
N ASN A 230 2.85 -15.65 8.72
CA ASN A 230 4.24 -15.86 9.11
C ASN A 230 4.74 -14.71 9.97
N TRP A 231 4.49 -13.47 9.53
CA TRP A 231 4.94 -12.31 10.30
C TRP A 231 4.35 -12.32 11.71
N LEU A 232 3.06 -12.61 11.83
CA LEU A 232 2.40 -12.56 13.12
C LEU A 232 2.87 -13.71 14.02
N GLY A 233 3.34 -14.80 13.40
CA GLY A 233 3.96 -15.91 14.13
C GLY A 233 5.38 -15.68 14.56
N GLY A 234 6.00 -14.58 14.12
CA GLY A 234 7.33 -14.22 14.54
C GLY A 234 8.42 -14.53 13.54
N ASN A 235 8.09 -15.14 12.40
CA ASN A 235 9.08 -15.54 11.41
C ASN A 235 9.62 -14.35 10.62
N LYS A 236 10.71 -14.61 9.89
CA LYS A 236 11.01 -13.81 8.72
C LYS A 236 9.99 -14.11 7.64
N VAL A 237 9.70 -13.12 6.82
CA VAL A 237 8.75 -13.28 5.75
C VAL A 237 9.52 -13.20 4.45
N ASP A 238 8.87 -13.61 3.36
CA ASP A 238 9.43 -13.50 2.03
C ASP A 238 8.37 -12.78 1.18
N LEU A 239 8.52 -11.47 1.08
CA LEU A 239 7.69 -10.62 0.25
C LEU A 239 8.36 -10.27 -1.07
N PHE A 240 9.55 -10.81 -1.32
CA PHE A 240 10.31 -10.53 -2.54
C PHE A 240 9.97 -11.64 -3.51
N TRP A 241 9.11 -11.36 -4.49
CA TRP A 241 8.47 -12.42 -5.24
C TRP A 241 9.03 -12.60 -6.63
N GLU A 242 10.11 -11.91 -6.96
CA GLU A 242 10.78 -12.11 -8.24
C GLU A 242 12.03 -12.99 -8.14
N HIS A 243 12.49 -13.29 -6.92
CA HIS A 243 13.65 -14.16 -6.66
C HIS A 243 13.39 -14.85 -5.33
K K B . -12.01 6.75 7.00
CA CA C . 3.05 -20.45 7.96
CA CA D . 11.43 -14.67 -2.55
CA CA E . 2.12 0.06 23.81
#